data_2O9P
#
_entry.id   2O9P
#
_cell.length_a   70.895
_cell.length_b   74.958
_cell.length_c   88.660
_cell.angle_alpha   90.00
_cell.angle_beta   90.00
_cell.angle_gamma   90.00
#
_symmetry.space_group_name_H-M   'P 21 21 21'
#
loop_
_entity.id
_entity.type
_entity.pdbx_description
1 polymer 'Beta-glucosidase B'
2 water water
#
_entity_poly.entity_id   1
_entity_poly.type   'polypeptide(L)'
_entity_poly.pdbx_seq_one_letter_code
;MHHHHHHSENTFIFPATFMWGTSTSSYQIEGGTDEGGRTPSIWDTFCQIPGKVIGGDCGDVACDHFHHFKEDVQLMKQLG
FLHYRFSVAWPRIMPAAGIINEEGLLFYEHLLDEIELAGLIPMLTLYHWDLPQWIEDEGGWTQRETIQHFKTYASVIMDR
FGERINWWNTINEPYCASILGYGTGEHAPGHENWREAFTAAHHILMCHGIASNLHKEKGLTGKIGITLNMEHVDAASERP
EDVAAAIRRDGFINRWFAEPLFNGKYPEDMVEWYGTYLNGLDFVQPGDMELIQQPGDFLGINYYTRSIIRSTNDASLLQV
EQVHMEEPVTDMGWEIHPESFYKLLTRIEKDFSKGLPILITENGAAMRDELVNGQIEDTGRQRYIEEHLKACHRFIEEGG
QLKGYFVWSFLDNFEWAWGYSKRFGIVHINYETQERTPKQSALWFKQMMAKNGF
;
_entity_poly.pdbx_strand_id   A
#
# COMPACT_ATOMS: atom_id res chain seq x y z
N ASN A 10 0.75 -24.83 20.72
CA ASN A 10 0.44 -24.16 19.42
C ASN A 10 1.69 -24.08 18.55
N THR A 11 1.68 -24.79 17.42
CA THR A 11 2.81 -24.77 16.50
C THR A 11 2.25 -24.53 15.09
N PHE A 12 2.76 -23.50 14.42
CA PHE A 12 2.29 -23.16 13.09
C PHE A 12 3.35 -23.27 12.01
N ILE A 13 3.09 -24.06 10.98
CA ILE A 13 4.03 -24.24 9.89
C ILE A 13 3.39 -23.75 8.59
N PHE A 14 4.12 -22.92 7.86
CA PHE A 14 3.60 -22.38 6.61
C PHE A 14 4.06 -23.14 5.38
N PRO A 15 3.27 -23.10 4.29
CA PRO A 15 3.59 -23.80 3.05
C PRO A 15 5.08 -23.74 2.70
N ALA A 16 5.51 -24.70 1.90
CA ALA A 16 6.91 -24.77 1.50
C ALA A 16 7.33 -23.59 0.64
N THR A 17 6.46 -23.16 -0.25
CA THR A 17 6.78 -22.04 -1.14
C THR A 17 6.27 -20.69 -0.65
N PHE A 18 5.86 -20.62 0.61
CA PHE A 18 5.34 -19.36 1.15
C PHE A 18 6.37 -18.25 1.01
N MET A 19 5.96 -17.14 0.40
CA MET A 19 6.84 -15.99 0.17
C MET A 19 6.93 -15.06 1.37
N TRP A 20 8.13 -14.89 1.90
CA TRP A 20 8.37 -14.00 3.03
C TRP A 20 9.15 -12.77 2.59
N GLY A 21 8.68 -11.58 2.99
CA GLY A 21 9.38 -10.36 2.62
C GLY A 21 9.01 -9.16 3.48
N THR A 22 9.62 -8.02 3.15
CA THR A 22 9.33 -6.75 3.84
C THR A 22 9.01 -5.78 2.72
N SER A 23 8.35 -4.68 3.05
CA SER A 23 8.00 -3.68 2.05
C SER A 23 8.37 -2.28 2.51
N THR A 24 8.44 -1.38 1.55
CA THR A 24 8.74 0.03 1.78
C THR A 24 8.17 0.69 0.54
N SER A 25 8.21 2.02 0.51
CA SER A 25 7.75 2.79 -0.65
C SER A 25 8.84 3.83 -0.85
N SER A 26 8.97 4.30 -2.08
CA SER A 26 10.00 5.28 -2.43
C SER A 26 10.02 6.59 -1.65
N TYR A 27 8.88 7.28 -1.57
CA TYR A 27 8.87 8.56 -0.86
C TYR A 27 9.05 8.44 0.65
N GLN A 28 8.59 7.35 1.22
CA GLN A 28 8.69 7.17 2.67
C GLN A 28 10.10 6.89 3.20
N ILE A 29 10.99 6.37 2.36
CA ILE A 29 12.34 6.04 2.83
C ILE A 29 13.55 6.59 2.09
N GLU A 30 13.38 6.96 0.81
CA GLU A 30 14.50 7.42 -0.01
C GLU A 30 15.26 8.70 0.33
N GLY A 31 14.53 9.80 0.55
CA GLY A 31 15.22 11.05 0.80
C GLY A 31 15.73 11.47 -0.58
N GLY A 32 16.81 12.24 -0.63
CA GLY A 32 17.34 12.67 -1.92
C GLY A 32 16.23 13.24 -2.78
N THR A 33 15.33 14.00 -2.16
CA THR A 33 14.19 14.57 -2.85
C THR A 33 14.54 15.50 -4.03
N ASP A 34 15.66 16.19 -3.94
CA ASP A 34 16.07 17.06 -5.03
C ASP A 34 17.45 16.67 -5.55
N GLU A 35 17.69 15.36 -5.60
CA GLU A 35 18.94 14.82 -6.09
C GLU A 35 18.68 13.91 -7.29
N GLY A 36 19.69 13.74 -8.13
CA GLY A 36 19.56 12.88 -9.29
C GLY A 36 18.47 13.25 -10.27
N GLY A 37 18.14 14.54 -10.34
CA GLY A 37 17.11 14.98 -11.26
C GLY A 37 15.67 14.87 -10.78
N ARG A 38 15.47 14.29 -9.60
CA ARG A 38 14.11 14.17 -9.08
C ARG A 38 13.47 15.54 -8.88
N THR A 39 12.24 15.70 -9.36
CA THR A 39 11.50 16.93 -9.18
C THR A 39 10.44 16.57 -8.13
N PRO A 40 9.83 17.56 -7.48
CA PRO A 40 8.81 17.34 -6.45
C PRO A 40 7.61 16.47 -6.78
N SER A 41 7.13 15.72 -5.78
CA SER A 41 5.94 14.89 -5.91
C SER A 41 4.86 15.68 -5.18
N ILE A 42 3.60 15.26 -5.29
CA ILE A 42 2.51 15.96 -4.63
C ILE A 42 2.66 15.97 -3.11
N TRP A 43 3.46 15.05 -2.60
CA TRP A 43 3.68 14.99 -1.16
C TRP A 43 4.69 16.01 -0.70
N ASP A 44 5.66 16.32 -1.57
CA ASP A 44 6.68 17.32 -1.25
C ASP A 44 5.95 18.66 -1.05
N THR A 45 4.89 18.85 -1.82
CA THR A 45 4.09 20.06 -1.77
C THR A 45 3.11 19.99 -0.62
N PHE A 46 2.41 18.86 -0.52
CA PHE A 46 1.41 18.63 0.51
C PHE A 46 1.94 18.81 1.94
N CYS A 47 3.10 18.23 2.22
CA CYS A 47 3.71 18.29 3.55
C CYS A 47 4.02 19.69 4.04
N GLN A 48 3.97 20.67 3.13
CA GLN A 48 4.25 22.06 3.47
C GLN A 48 3.02 22.85 3.91
N ILE A 49 1.85 22.28 3.72
CA ILE A 49 0.60 22.93 4.11
C ILE A 49 0.45 22.73 5.61
N PRO A 50 0.34 23.82 6.38
CA PRO A 50 0.20 23.71 7.84
C PRO A 50 -0.97 22.83 8.27
N GLY A 51 -0.73 21.96 9.24
CA GLY A 51 -1.79 21.10 9.74
C GLY A 51 -2.05 19.80 9.00
N LYS A 52 -1.45 19.62 7.83
CA LYS A 52 -1.65 18.39 7.05
C LYS A 52 -0.81 17.20 7.54
N VAL A 53 0.39 17.48 8.05
CA VAL A 53 1.27 16.43 8.56
C VAL A 53 1.69 16.83 9.96
N ILE A 54 1.56 15.93 10.93
CA ILE A 54 1.95 16.31 12.29
C ILE A 54 3.40 16.74 12.38
N GLY A 55 3.62 17.80 13.16
CA GLY A 55 4.95 18.33 13.33
C GLY A 55 5.41 19.04 12.07
N GLY A 56 4.58 19.02 11.03
CA GLY A 56 4.94 19.65 9.79
C GLY A 56 6.05 18.88 9.07
N ASP A 57 6.14 17.58 9.35
CA ASP A 57 7.18 16.77 8.73
C ASP A 57 7.00 16.60 7.22
N CYS A 58 8.14 16.45 6.55
CA CYS A 58 8.20 16.26 5.11
C CYS A 58 9.10 15.06 4.81
N GLY A 59 8.99 14.53 3.60
CA GLY A 59 9.80 13.39 3.20
C GLY A 59 11.22 13.74 2.86
N ASP A 60 11.65 14.92 3.27
CA ASP A 60 13.02 15.37 3.04
C ASP A 60 13.98 14.49 3.83
N VAL A 61 14.94 13.89 3.13
CA VAL A 61 15.94 12.98 3.72
C VAL A 61 15.34 11.64 4.17
N ALA A 62 14.23 11.67 4.91
CA ALA A 62 13.60 10.44 5.39
C ALA A 62 14.66 9.51 6.03
N CYS A 63 14.78 8.28 5.53
CA CYS A 63 15.76 7.31 6.04
C CYS A 63 17.03 7.36 5.19
N ASP A 64 17.11 8.34 4.30
CA ASP A 64 18.24 8.49 3.42
C ASP A 64 18.61 7.18 2.73
N HIS A 65 17.60 6.47 2.25
CA HIS A 65 17.81 5.20 1.56
C HIS A 65 18.44 5.44 0.18
N PHE A 66 18.28 6.66 -0.32
CA PHE A 66 18.85 6.99 -1.63
C PHE A 66 20.36 6.76 -1.57
N HIS A 67 20.94 6.99 -0.39
CA HIS A 67 22.37 6.82 -0.21
C HIS A 67 22.76 5.53 0.51
N HIS A 68 21.87 4.97 1.32
CA HIS A 68 22.20 3.74 2.07
C HIS A 68 21.59 2.45 1.53
N PHE A 69 21.05 2.47 0.30
CA PHE A 69 20.39 1.28 -0.22
C PHE A 69 21.22 0.00 -0.23
N LYS A 70 22.50 0.10 -0.60
CA LYS A 70 23.36 -1.07 -0.63
C LYS A 70 23.41 -1.73 0.75
N GLU A 71 23.48 -0.93 1.81
CA GLU A 71 23.54 -1.48 3.16
C GLU A 71 22.19 -2.01 3.61
N ASP A 72 21.12 -1.34 3.18
CA ASP A 72 19.80 -1.78 3.57
C ASP A 72 19.46 -3.16 3.00
N VAL A 73 19.78 -3.39 1.72
CA VAL A 73 19.49 -4.69 1.13
C VAL A 73 20.37 -5.76 1.79
N GLN A 74 21.60 -5.40 2.15
CA GLN A 74 22.48 -6.35 2.81
C GLN A 74 21.88 -6.70 4.17
N LEU A 75 21.27 -5.71 4.81
CA LEU A 75 20.67 -5.91 6.13
C LEU A 75 19.48 -6.86 5.98
N MET A 76 18.76 -6.72 4.88
CA MET A 76 17.60 -7.57 4.60
C MET A 76 18.09 -9.02 4.52
N LYS A 77 19.05 -9.24 3.64
CA LYS A 77 19.64 -10.56 3.41
C LYS A 77 20.03 -11.26 4.71
N GLN A 78 20.89 -10.62 5.48
CA GLN A 78 21.35 -11.19 6.73
C GLN A 78 20.25 -11.28 7.77
N LEU A 79 19.06 -10.78 7.43
CA LEU A 79 17.94 -10.82 8.35
C LEU A 79 17.03 -11.97 7.94
N GLY A 80 17.44 -12.70 6.91
CA GLY A 80 16.69 -13.86 6.45
C GLY A 80 15.60 -13.66 5.41
N PHE A 81 15.50 -12.47 4.83
CA PHE A 81 14.48 -12.20 3.85
C PHE A 81 14.87 -12.60 2.43
N LEU A 82 13.89 -13.11 1.68
CA LEU A 82 14.15 -13.51 0.30
C LEU A 82 13.34 -12.66 -0.68
N HIS A 83 12.42 -11.87 -0.14
CA HIS A 83 11.57 -11.01 -0.96
C HIS A 83 11.57 -9.56 -0.50
N TYR A 84 11.65 -8.64 -1.45
CA TYR A 84 11.65 -7.23 -1.12
C TYR A 84 10.72 -6.45 -2.05
N ARG A 85 9.64 -5.89 -1.51
CA ARG A 85 8.73 -5.09 -2.33
C ARG A 85 9.09 -3.63 -2.08
N PHE A 86 9.33 -2.91 -3.16
CA PHE A 86 9.65 -1.50 -3.08
C PHE A 86 8.92 -0.83 -4.21
N SER A 87 8.82 0.50 -4.16
CA SER A 87 8.15 1.22 -5.21
C SER A 87 9.16 2.12 -5.89
N VAL A 88 8.79 2.58 -7.07
CA VAL A 88 9.64 3.46 -7.85
C VAL A 88 9.07 4.85 -7.73
N ALA A 89 9.94 5.85 -7.56
CA ALA A 89 9.47 7.22 -7.46
C ALA A 89 9.25 7.78 -8.86
N TRP A 90 7.99 7.89 -9.25
CA TRP A 90 7.61 8.41 -10.55
C TRP A 90 8.39 9.71 -10.86
N PRO A 91 8.52 10.62 -9.88
CA PRO A 91 9.25 11.87 -10.09
C PRO A 91 10.72 11.72 -10.52
N ARG A 92 11.37 10.60 -10.19
CA ARG A 92 12.77 10.37 -10.59
C ARG A 92 12.81 9.91 -12.05
N ILE A 93 11.73 9.31 -12.50
CA ILE A 93 11.64 8.79 -13.86
C ILE A 93 11.20 9.87 -14.85
N MET A 94 10.10 10.55 -14.53
CA MET A 94 9.56 11.60 -15.36
C MET A 94 9.47 12.89 -14.57
N PRO A 95 10.60 13.59 -14.39
CA PRO A 95 10.66 14.85 -13.64
C PRO A 95 9.88 16.00 -14.27
N ALA A 96 9.49 15.84 -15.53
CA ALA A 96 8.74 16.85 -16.26
C ALA A 96 8.19 16.26 -17.55
N ALA A 97 7.23 16.93 -18.17
CA ALA A 97 6.63 16.46 -19.42
C ALA A 97 7.65 16.21 -20.53
N GLY A 98 7.59 15.02 -21.12
CA GLY A 98 8.48 14.64 -22.20
C GLY A 98 9.93 14.37 -21.84
N ILE A 99 10.22 14.21 -20.56
CA ILE A 99 11.58 13.98 -20.07
C ILE A 99 12.26 12.61 -20.22
N ILE A 100 12.11 11.78 -19.20
CA ILE A 100 12.71 10.44 -19.10
C ILE A 100 14.12 10.59 -18.54
N ASN A 101 14.19 10.58 -17.21
CA ASN A 101 15.45 10.74 -16.47
C ASN A 101 16.30 9.49 -16.36
N GLU A 102 17.33 9.40 -17.19
CA GLU A 102 18.24 8.26 -17.17
C GLU A 102 18.90 8.08 -15.81
N GLU A 103 19.18 9.19 -15.14
CA GLU A 103 19.81 9.14 -13.82
C GLU A 103 18.86 8.52 -12.80
N GLY A 104 17.55 8.71 -13.01
CA GLY A 104 16.57 8.15 -12.11
C GLY A 104 16.48 6.65 -12.31
N LEU A 105 16.49 6.23 -13.58
CA LEU A 105 16.43 4.81 -13.92
C LEU A 105 17.68 4.08 -13.43
N LEU A 106 18.80 4.79 -13.35
CA LEU A 106 20.05 4.16 -12.90
C LEU A 106 20.04 3.84 -11.41
N PHE A 107 19.31 4.63 -10.62
CA PHE A 107 19.26 4.36 -9.19
C PHE A 107 18.61 3.02 -8.93
N TYR A 108 17.47 2.78 -9.57
CA TYR A 108 16.77 1.52 -9.39
C TYR A 108 17.52 0.37 -10.02
N GLU A 109 18.17 0.63 -11.16
CA GLU A 109 18.95 -0.40 -11.82
C GLU A 109 20.01 -0.86 -10.84
N HIS A 110 20.62 0.11 -10.15
CA HIS A 110 21.64 -0.18 -9.16
C HIS A 110 21.03 -0.85 -7.93
N LEU A 111 19.84 -0.41 -7.55
CA LEU A 111 19.16 -1.02 -6.41
C LEU A 111 18.95 -2.47 -6.73
N LEU A 112 18.49 -2.73 -7.95
CA LEU A 112 18.23 -4.09 -8.43
C LEU A 112 19.49 -4.93 -8.54
N ASP A 113 20.63 -4.29 -8.80
CA ASP A 113 21.87 -5.06 -8.89
C ASP A 113 22.21 -5.58 -7.49
N GLU A 114 21.96 -4.73 -6.49
CA GLU A 114 22.22 -5.05 -5.11
C GLU A 114 21.28 -6.16 -4.62
N ILE A 115 20.01 -6.07 -5.03
CA ILE A 115 19.02 -7.07 -4.64
C ILE A 115 19.45 -8.43 -5.21
N GLU A 116 19.71 -8.47 -6.50
CA GLU A 116 20.12 -9.68 -7.18
C GLU A 116 21.40 -10.27 -6.59
N LEU A 117 22.39 -9.40 -6.34
CA LEU A 117 23.65 -9.84 -5.76
C LEU A 117 23.44 -10.48 -4.38
N ALA A 118 22.48 -9.94 -3.63
CA ALA A 118 22.17 -10.45 -2.30
C ALA A 118 21.29 -11.69 -2.36
N GLY A 119 20.81 -12.02 -3.56
CA GLY A 119 19.96 -13.19 -3.72
C GLY A 119 18.50 -12.96 -3.39
N LEU A 120 18.06 -11.70 -3.45
CA LEU A 120 16.67 -11.36 -3.14
C LEU A 120 15.79 -11.33 -4.38
N ILE A 121 14.50 -11.58 -4.16
CA ILE A 121 13.52 -11.58 -5.25
C ILE A 121 12.72 -10.29 -5.09
N PRO A 122 12.75 -9.42 -6.11
CA PRO A 122 12.01 -8.17 -6.01
C PRO A 122 10.58 -8.13 -6.51
N MET A 123 9.82 -7.22 -5.91
CA MET A 123 8.45 -6.94 -6.31
C MET A 123 8.51 -5.43 -6.49
N LEU A 124 8.20 -4.96 -7.69
CA LEU A 124 8.25 -3.54 -7.96
C LEU A 124 6.86 -2.94 -8.03
N THR A 125 6.60 -1.96 -7.16
CA THR A 125 5.32 -1.28 -7.13
C THR A 125 5.46 -0.01 -7.95
N LEU A 126 4.70 0.07 -9.04
CA LEU A 126 4.73 1.23 -9.92
C LEU A 126 4.25 2.53 -9.28
N TYR A 127 3.10 2.49 -8.61
CA TYR A 127 2.59 3.71 -8.02
C TYR A 127 2.28 3.62 -6.53
N HIS A 128 3.07 4.34 -5.74
CA HIS A 128 2.87 4.37 -4.31
C HIS A 128 2.61 5.77 -3.78
N TRP A 129 1.72 6.48 -4.48
CA TRP A 129 1.24 7.82 -4.11
C TRP A 129 2.05 9.07 -4.41
N ASP A 130 3.28 8.92 -4.90
CA ASP A 130 4.09 10.09 -5.17
C ASP A 130 3.99 10.61 -6.60
N LEU A 131 2.79 11.07 -6.96
CA LEU A 131 2.53 11.60 -8.28
C LEU A 131 3.39 12.84 -8.50
N PRO A 132 4.00 12.98 -9.69
CA PRO A 132 4.84 14.15 -9.96
C PRO A 132 3.96 15.39 -9.85
N GLN A 133 4.47 16.43 -9.18
CA GLN A 133 3.69 17.65 -9.03
C GLN A 133 3.34 18.30 -10.37
N TRP A 134 4.21 18.14 -11.37
CA TRP A 134 3.89 18.77 -12.65
C TRP A 134 2.63 18.14 -13.24
N ILE A 135 2.38 16.88 -12.91
CA ILE A 135 1.19 16.19 -13.40
C ILE A 135 -0.03 16.70 -12.65
N GLU A 136 0.11 16.86 -11.33
CA GLU A 136 -0.99 17.36 -10.52
C GLU A 136 -1.33 18.78 -10.96
N ASP A 137 -0.35 19.49 -11.50
CA ASP A 137 -0.58 20.84 -11.97
C ASP A 137 -1.51 20.85 -13.19
N GLU A 138 -1.53 19.75 -13.92
CA GLU A 138 -2.40 19.62 -15.09
C GLU A 138 -3.78 19.14 -14.64
N GLY A 139 -3.92 18.84 -13.35
CA GLY A 139 -5.19 18.37 -12.83
C GLY A 139 -5.06 17.04 -12.09
N GLY A 140 -3.89 16.43 -12.18
CA GLY A 140 -3.64 15.17 -11.48
C GLY A 140 -4.54 14.00 -11.85
N TRP A 141 -4.94 13.23 -10.85
CA TRP A 141 -5.77 12.07 -11.07
C TRP A 141 -7.20 12.34 -11.55
N THR A 142 -7.62 13.61 -11.53
CA THR A 142 -8.96 13.96 -11.99
C THR A 142 -9.02 14.06 -13.52
N GLN A 143 -7.88 13.92 -14.17
CA GLN A 143 -7.81 14.04 -15.62
C GLN A 143 -7.46 12.76 -16.36
N ARG A 144 -8.26 12.40 -17.37
CA ARG A 144 -8.03 11.21 -18.18
C ARG A 144 -6.59 11.22 -18.70
N GLU A 145 -6.16 12.37 -19.19
CA GLU A 145 -4.83 12.52 -19.74
C GLU A 145 -3.75 11.91 -18.87
N THR A 146 -3.89 12.07 -17.55
CA THR A 146 -2.92 11.53 -16.62
C THR A 146 -2.67 10.05 -16.83
N ILE A 147 -3.68 9.33 -17.31
CA ILE A 147 -3.55 7.91 -17.56
C ILE A 147 -2.54 7.70 -18.70
N GLN A 148 -2.51 8.64 -19.64
CA GLN A 148 -1.58 8.58 -20.75
C GLN A 148 -0.17 8.75 -20.20
N HIS A 149 -0.01 9.69 -19.26
CA HIS A 149 1.30 9.91 -18.65
C HIS A 149 1.72 8.65 -17.89
N PHE A 150 0.75 7.97 -17.28
CA PHE A 150 1.05 6.75 -16.54
C PHE A 150 1.54 5.71 -17.52
N LYS A 151 0.93 5.69 -18.70
CA LYS A 151 1.32 4.73 -19.73
C LYS A 151 2.79 4.95 -20.04
N THR A 152 3.15 6.21 -20.27
CA THR A 152 4.53 6.56 -20.54
C THR A 152 5.43 5.97 -19.47
N TYR A 153 5.11 6.27 -18.21
CA TYR A 153 5.86 5.79 -17.04
C TYR A 153 5.93 4.27 -16.97
N ALA A 154 4.79 3.62 -16.93
CA ALA A 154 4.76 2.16 -16.84
C ALA A 154 5.53 1.50 -17.99
N SER A 155 5.35 2.00 -19.20
CA SER A 155 6.05 1.43 -20.35
C SER A 155 7.56 1.52 -20.22
N VAL A 156 8.06 2.70 -19.87
CA VAL A 156 9.51 2.88 -19.70
C VAL A 156 10.07 1.88 -18.69
N ILE A 157 9.43 1.83 -17.51
CA ILE A 157 9.87 0.92 -16.45
C ILE A 157 9.85 -0.54 -16.89
N MET A 158 8.84 -0.91 -17.67
CA MET A 158 8.72 -2.29 -18.13
C MET A 158 9.75 -2.64 -19.21
N ASP A 159 10.18 -1.64 -19.97
CA ASP A 159 11.17 -1.90 -21.01
C ASP A 159 12.59 -1.91 -20.49
N ARG A 160 12.89 -1.05 -19.52
CA ARG A 160 14.23 -1.00 -18.97
C ARG A 160 14.47 -2.15 -17.99
N PHE A 161 13.38 -2.66 -17.43
CA PHE A 161 13.45 -3.78 -16.51
C PHE A 161 12.43 -4.78 -17.06
N GLY A 162 11.97 -5.72 -16.25
CA GLY A 162 11.00 -6.67 -16.75
C GLY A 162 11.59 -8.05 -16.85
N GLU A 163 12.80 -8.11 -17.38
CA GLU A 163 13.53 -9.37 -17.51
C GLU A 163 14.19 -9.62 -16.16
N ARG A 164 13.96 -8.71 -15.22
CA ARG A 164 14.54 -8.81 -13.89
C ARG A 164 13.51 -8.72 -12.78
N ILE A 165 12.27 -8.44 -13.14
CA ILE A 165 11.19 -8.30 -12.17
C ILE A 165 10.24 -9.48 -12.14
N ASN A 166 10.29 -10.24 -11.04
CA ASN A 166 9.45 -11.42 -10.86
C ASN A 166 8.03 -11.05 -10.46
N TRP A 167 7.89 -9.93 -9.75
CA TRP A 167 6.58 -9.50 -9.29
C TRP A 167 6.28 -8.04 -9.56
N TRP A 168 5.18 -7.81 -10.25
CA TRP A 168 4.76 -6.46 -10.58
C TRP A 168 3.54 -6.11 -9.74
N ASN A 169 3.66 -5.04 -8.95
CA ASN A 169 2.55 -4.58 -8.13
C ASN A 169 2.17 -3.27 -8.82
N THR A 170 1.01 -3.23 -9.48
CA THR A 170 0.60 -2.04 -10.21
C THR A 170 0.32 -0.79 -9.36
N ILE A 171 -0.76 -0.80 -8.62
CA ILE A 171 -1.08 0.36 -7.81
C ILE A 171 -1.26 -0.04 -6.34
N ASN A 172 -0.64 0.73 -5.45
CA ASN A 172 -0.76 0.48 -4.02
C ASN A 172 -1.90 1.32 -3.48
N GLU A 173 -2.94 0.63 -2.99
CA GLU A 173 -4.10 1.25 -2.38
C GLU A 173 -4.82 2.37 -3.15
N PRO A 174 -5.59 2.02 -4.19
CA PRO A 174 -6.33 3.00 -4.99
C PRO A 174 -7.18 3.87 -4.08
N TYR A 175 -7.73 3.25 -3.04
CA TYR A 175 -8.58 3.93 -2.07
C TYR A 175 -7.93 5.17 -1.45
N CYS A 176 -6.70 5.01 -0.97
CA CYS A 176 -6.03 6.13 -0.33
C CYS A 176 -5.70 7.27 -1.29
N ALA A 177 -5.16 6.94 -2.45
CA ALA A 177 -4.79 7.95 -3.43
C ALA A 177 -5.99 8.76 -3.91
N SER A 178 -7.16 8.12 -4.04
CA SER A 178 -8.34 8.84 -4.49
C SER A 178 -9.21 9.42 -3.37
N ILE A 179 -9.80 8.54 -2.56
CA ILE A 179 -10.66 8.99 -1.46
C ILE A 179 -10.00 9.96 -0.48
N LEU A 180 -8.83 9.61 0.06
CA LEU A 180 -8.16 10.50 1.01
C LEU A 180 -7.42 11.62 0.31
N GLY A 181 -6.91 11.35 -0.89
CA GLY A 181 -6.16 12.36 -1.61
C GLY A 181 -6.98 13.47 -2.25
N TYR A 182 -8.20 13.14 -2.70
CA TYR A 182 -9.09 14.13 -3.34
C TYR A 182 -10.45 14.30 -2.67
N GLY A 183 -10.78 13.44 -1.72
CA GLY A 183 -12.07 13.53 -1.07
C GLY A 183 -12.08 14.10 0.32
N THR A 184 -11.28 13.52 1.21
CA THR A 184 -11.21 13.99 2.59
C THR A 184 -10.08 15.01 2.78
N GLY A 185 -9.20 15.08 1.79
CA GLY A 185 -8.08 16.01 1.87
C GLY A 185 -6.97 15.59 2.83
N GLU A 186 -7.04 14.37 3.35
CA GLU A 186 -6.06 13.88 4.31
C GLU A 186 -4.72 13.46 3.73
N HIS A 187 -4.69 13.13 2.44
CA HIS A 187 -3.48 12.74 1.74
C HIS A 187 -3.31 13.67 0.55
N ALA A 188 -2.08 13.75 0.04
CA ALA A 188 -1.80 14.61 -1.11
C ALA A 188 -2.66 14.14 -2.30
N PRO A 189 -3.07 15.07 -3.18
CA PRO A 189 -2.80 16.52 -3.14
C PRO A 189 -3.59 17.31 -2.10
N GLY A 190 -4.54 16.66 -1.44
CA GLY A 190 -5.31 17.36 -0.43
C GLY A 190 -6.57 18.07 -0.88
N HIS A 191 -7.24 17.57 -1.90
CA HIS A 191 -8.48 18.20 -2.34
C HIS A 191 -9.62 17.63 -1.49
N GLU A 192 -10.74 18.35 -1.42
CA GLU A 192 -11.91 17.88 -0.67
C GLU A 192 -13.08 18.05 -1.63
N ASN A 193 -13.18 17.15 -2.61
CA ASN A 193 -14.23 17.21 -3.62
C ASN A 193 -14.61 15.78 -4.03
N TRP A 194 -15.72 15.29 -3.50
CA TRP A 194 -16.15 13.94 -3.79
C TRP A 194 -16.23 13.59 -5.27
N ARG A 195 -16.56 14.57 -6.09
CA ARG A 195 -16.66 14.35 -7.53
C ARG A 195 -15.27 13.97 -8.07
N GLU A 196 -14.26 14.74 -7.69
CA GLU A 196 -12.88 14.48 -8.13
C GLU A 196 -12.38 13.13 -7.58
N ALA A 197 -12.66 12.87 -6.31
CA ALA A 197 -12.22 11.62 -5.68
C ALA A 197 -12.70 10.39 -6.46
N PHE A 198 -14.00 10.37 -6.77
CA PHE A 198 -14.55 9.24 -7.50
C PHE A 198 -14.01 9.19 -8.92
N THR A 199 -13.78 10.35 -9.52
CA THR A 199 -13.20 10.38 -10.87
C THR A 199 -11.76 9.87 -10.72
N ALA A 200 -11.08 10.31 -9.67
CA ALA A 200 -9.70 9.91 -9.40
C ALA A 200 -9.59 8.40 -9.21
N ALA A 201 -10.50 7.83 -8.44
CA ALA A 201 -10.48 6.39 -8.19
C ALA A 201 -10.66 5.62 -9.49
N HIS A 202 -11.54 6.13 -10.35
CA HIS A 202 -11.78 5.47 -11.63
C HIS A 202 -10.53 5.53 -12.50
N HIS A 203 -9.87 6.67 -12.51
CA HIS A 203 -8.67 6.84 -13.33
C HIS A 203 -7.51 5.99 -12.84
N ILE A 204 -7.36 5.87 -11.53
CA ILE A 204 -6.28 5.06 -10.99
C ILE A 204 -6.51 3.57 -11.24
N LEU A 205 -7.78 3.15 -11.14
CA LEU A 205 -8.11 1.75 -11.38
C LEU A 205 -7.78 1.45 -12.85
N MET A 206 -8.09 2.38 -13.75
CA MET A 206 -7.78 2.19 -15.15
C MET A 206 -6.27 2.01 -15.35
N CYS A 207 -5.46 2.69 -14.53
CA CYS A 207 -4.02 2.57 -14.64
C CYS A 207 -3.54 1.15 -14.31
N HIS A 208 -4.29 0.43 -13.49
CA HIS A 208 -3.91 -0.95 -13.20
C HIS A 208 -4.17 -1.72 -14.50
N GLY A 209 -5.19 -1.28 -15.23
CA GLY A 209 -5.52 -1.93 -16.49
C GLY A 209 -4.50 -1.58 -17.55
N ILE A 210 -4.05 -0.33 -17.55
CA ILE A 210 -3.05 0.13 -18.52
C ILE A 210 -1.75 -0.63 -18.34
N ALA A 211 -1.36 -0.82 -17.09
CA ALA A 211 -0.13 -1.53 -16.76
C ALA A 211 -0.28 -3.00 -17.14
N SER A 212 -1.48 -3.52 -16.96
CA SER A 212 -1.78 -4.91 -17.27
C SER A 212 -1.71 -5.13 -18.78
N ASN A 213 -2.29 -4.20 -19.54
CA ASN A 213 -2.25 -4.30 -21.00
C ASN A 213 -0.81 -4.24 -21.50
N LEU A 214 -0.02 -3.32 -20.94
CA LEU A 214 1.38 -3.19 -21.33
C LEU A 214 2.12 -4.49 -21.04
N HIS A 215 1.87 -5.04 -19.85
CA HIS A 215 2.51 -6.28 -19.41
C HIS A 215 2.33 -7.43 -20.40
N LYS A 216 1.11 -7.60 -20.90
CA LYS A 216 0.83 -8.68 -21.85
C LYS A 216 1.41 -8.36 -23.23
N GLU A 217 1.31 -7.11 -23.64
CA GLU A 217 1.82 -6.69 -24.93
C GLU A 217 3.33 -6.89 -25.00
N LYS A 218 4.04 -6.42 -23.98
CA LYS A 218 5.49 -6.55 -23.93
C LYS A 218 5.88 -8.01 -23.70
N GLY A 219 4.88 -8.85 -23.48
CA GLY A 219 5.14 -10.26 -23.26
C GLY A 219 5.97 -10.58 -22.03
N LEU A 220 5.91 -9.72 -21.01
CA LEU A 220 6.67 -9.96 -19.78
C LEU A 220 6.16 -11.20 -19.08
N THR A 221 7.05 -11.90 -18.37
CA THR A 221 6.70 -13.13 -17.67
C THR A 221 6.43 -12.97 -16.17
N GLY A 222 6.84 -11.84 -15.59
CA GLY A 222 6.63 -11.64 -14.17
C GLY A 222 5.17 -11.58 -13.76
N LYS A 223 4.88 -12.01 -12.52
CA LYS A 223 3.51 -11.98 -12.01
C LYS A 223 3.07 -10.53 -11.84
N ILE A 224 1.82 -10.24 -12.14
CA ILE A 224 1.33 -8.88 -11.99
C ILE A 224 0.02 -8.83 -11.19
N GLY A 225 -0.08 -7.85 -10.31
CA GLY A 225 -1.28 -7.71 -9.51
C GLY A 225 -1.40 -6.35 -8.86
N ILE A 226 -2.62 -5.98 -8.50
CA ILE A 226 -2.88 -4.71 -7.85
C ILE A 226 -2.86 -4.98 -6.36
N THR A 227 -2.79 -3.93 -5.56
CA THR A 227 -2.81 -4.08 -4.11
C THR A 227 -3.89 -3.18 -3.53
N LEU A 228 -4.81 -3.77 -2.79
CA LEU A 228 -5.89 -3.02 -2.18
C LEU A 228 -5.81 -3.08 -0.67
N ASN A 229 -5.99 -1.94 -0.02
CA ASN A 229 -6.03 -1.95 1.43
C ASN A 229 -7.48 -2.35 1.67
N MET A 230 -7.71 -3.29 2.57
CA MET A 230 -9.06 -3.71 2.88
C MET A 230 -9.17 -3.84 4.39
N GLU A 231 -10.36 -3.64 4.92
CA GLU A 231 -10.56 -3.74 6.36
C GLU A 231 -11.84 -4.49 6.68
N HIS A 232 -11.83 -5.24 7.77
CA HIS A 232 -13.03 -5.95 8.14
C HIS A 232 -13.93 -4.93 8.81
N VAL A 233 -15.22 -4.97 8.49
CA VAL A 233 -16.15 -4.01 9.05
C VAL A 233 -17.24 -4.63 9.93
N ASP A 234 -17.35 -4.15 11.16
CA ASP A 234 -18.37 -4.64 12.09
C ASP A 234 -19.33 -3.51 12.45
N ALA A 235 -20.60 -3.87 12.62
CA ALA A 235 -21.60 -2.89 13.02
C ALA A 235 -21.41 -2.69 14.51
N ALA A 236 -21.61 -1.47 14.99
CA ALA A 236 -21.43 -1.16 16.41
C ALA A 236 -22.47 -1.82 17.32
N SER A 237 -23.67 -2.03 16.79
CA SER A 237 -24.74 -2.66 17.58
C SER A 237 -25.64 -3.45 16.64
N GLU A 238 -26.69 -4.05 17.18
CA GLU A 238 -27.61 -4.82 16.34
C GLU A 238 -28.62 -3.92 15.65
N ARG A 239 -28.65 -2.64 16.02
CA ARG A 239 -29.59 -1.70 15.40
C ARG A 239 -29.44 -1.77 13.87
N PRO A 240 -30.58 -1.83 13.15
CA PRO A 240 -30.58 -1.90 11.69
C PRO A 240 -29.78 -0.79 11.01
N GLU A 241 -29.88 0.43 11.53
CA GLU A 241 -29.15 1.54 10.92
C GLU A 241 -27.64 1.36 11.07
N ASP A 242 -27.20 0.71 12.15
CA ASP A 242 -25.76 0.49 12.36
C ASP A 242 -25.25 -0.58 11.41
N VAL A 243 -26.13 -1.54 11.10
CA VAL A 243 -25.77 -2.59 10.18
C VAL A 243 -25.69 -1.98 8.78
N ALA A 244 -26.63 -1.11 8.45
CA ALA A 244 -26.64 -0.46 7.13
C ALA A 244 -25.39 0.42 6.99
N ALA A 245 -25.07 1.13 8.07
CA ALA A 245 -23.91 2.01 8.10
C ALA A 245 -22.65 1.20 7.86
N ALA A 246 -22.56 0.03 8.49
CA ALA A 246 -21.38 -0.82 8.31
C ALA A 246 -21.29 -1.30 6.86
N ILE A 247 -22.44 -1.57 6.24
CA ILE A 247 -22.50 -2.01 4.84
C ILE A 247 -21.90 -0.91 3.95
N ARG A 248 -22.24 0.33 4.28
CA ARG A 248 -21.75 1.47 3.54
C ARG A 248 -20.24 1.64 3.65
N ARG A 249 -19.70 1.50 4.86
CA ARG A 249 -18.26 1.62 5.05
C ARG A 249 -17.61 0.56 4.19
N ASP A 250 -18.15 -0.65 4.26
CA ASP A 250 -17.60 -1.75 3.50
C ASP A 250 -17.65 -1.50 2.01
N GLY A 251 -18.71 -0.84 1.53
CA GLY A 251 -18.79 -0.55 0.11
C GLY A 251 -17.82 0.56 -0.25
N PHE A 252 -17.69 1.51 0.65
CA PHE A 252 -16.83 2.69 0.53
C PHE A 252 -15.33 2.35 0.36
N ILE A 253 -14.82 1.45 1.19
CA ILE A 253 -13.40 1.06 1.11
C ILE A 253 -13.10 -0.24 0.35
N ASN A 254 -13.89 -1.27 0.64
CA ASN A 254 -13.67 -2.57 0.03
C ASN A 254 -14.32 -2.80 -1.34
N ARG A 255 -15.65 -2.89 -1.37
CA ARG A 255 -16.35 -3.18 -2.62
C ARG A 255 -16.16 -2.23 -3.80
N TRP A 256 -16.05 -0.94 -3.53
CA TRP A 256 -15.89 0.03 -4.61
C TRP A 256 -14.68 -0.22 -5.50
N PHE A 257 -13.66 -0.86 -4.93
CA PHE A 257 -12.45 -1.14 -5.68
C PHE A 257 -12.38 -2.61 -6.07
N ALA A 258 -12.83 -3.48 -5.17
CA ALA A 258 -12.81 -4.91 -5.44
C ALA A 258 -13.83 -5.32 -6.52
N GLU A 259 -15.00 -4.70 -6.50
CA GLU A 259 -16.05 -5.03 -7.47
C GLU A 259 -15.60 -4.78 -8.92
N PRO A 260 -15.00 -3.60 -9.20
CA PRO A 260 -14.55 -3.30 -10.55
C PRO A 260 -13.42 -4.23 -11.00
N LEU A 261 -12.51 -4.53 -10.08
CA LEU A 261 -11.38 -5.40 -10.39
C LEU A 261 -11.80 -6.81 -10.79
N PHE A 262 -12.72 -7.40 -10.04
CA PHE A 262 -13.16 -8.77 -10.32
C PHE A 262 -14.46 -8.92 -11.10
N ASN A 263 -15.39 -8.00 -10.90
CA ASN A 263 -16.70 -8.09 -11.55
C ASN A 263 -17.04 -7.07 -12.63
N GLY A 264 -16.12 -6.16 -12.94
CA GLY A 264 -16.39 -5.18 -13.98
C GLY A 264 -17.47 -4.16 -13.70
N LYS A 265 -17.83 -3.99 -12.44
CA LYS A 265 -18.85 -2.99 -12.10
C LYS A 265 -18.59 -2.36 -10.74
N TYR A 266 -19.23 -1.22 -10.52
CA TYR A 266 -19.11 -0.51 -9.24
C TYR A 266 -20.32 -0.95 -8.41
N PRO A 267 -20.17 -0.99 -7.08
CA PRO A 267 -21.25 -1.40 -6.18
C PRO A 267 -22.50 -0.57 -6.43
N GLU A 268 -23.56 -1.21 -6.92
CA GLU A 268 -24.81 -0.50 -7.22
C GLU A 268 -25.40 0.22 -6.01
N ASP A 269 -25.33 -0.41 -4.84
CA ASP A 269 -25.86 0.23 -3.65
C ASP A 269 -25.06 1.50 -3.35
N MET A 270 -23.75 1.47 -3.57
CA MET A 270 -22.92 2.64 -3.32
C MET A 270 -23.11 3.68 -4.44
N VAL A 271 -23.35 3.20 -5.66
CA VAL A 271 -23.58 4.08 -6.80
C VAL A 271 -24.82 4.92 -6.53
N GLU A 272 -25.80 4.31 -5.87
CA GLU A 272 -27.04 4.99 -5.55
C GLU A 272 -26.81 5.97 -4.40
N TRP A 273 -26.03 5.57 -3.41
CA TRP A 273 -25.78 6.44 -2.28
C TRP A 273 -24.99 7.69 -2.66
N TYR A 274 -23.99 7.53 -3.53
CA TYR A 274 -23.19 8.66 -3.96
C TYR A 274 -23.99 9.57 -4.91
N GLY A 275 -24.97 8.97 -5.58
CA GLY A 275 -25.82 9.71 -6.49
C GLY A 275 -25.21 10.86 -7.28
N THR A 276 -25.62 12.07 -6.92
CA THR A 276 -25.19 13.30 -7.59
C THR A 276 -23.69 13.56 -7.68
N TYR A 277 -22.92 13.02 -6.74
CA TYR A 277 -21.46 13.19 -6.76
C TYR A 277 -20.86 12.43 -7.91
N LEU A 278 -21.57 11.40 -8.40
CA LEU A 278 -21.12 10.58 -9.51
C LEU A 278 -21.48 11.24 -10.84
N ASN A 279 -22.40 12.20 -10.78
CA ASN A 279 -22.86 12.90 -11.97
C ASN A 279 -23.11 11.93 -13.11
N GLY A 280 -23.92 10.91 -12.84
CA GLY A 280 -24.25 9.92 -13.86
C GLY A 280 -23.11 9.06 -14.36
N LEU A 281 -22.07 8.87 -13.55
CA LEU A 281 -20.93 8.06 -13.94
C LEU A 281 -20.36 8.53 -15.27
N ASP A 282 -20.48 9.83 -15.53
CA ASP A 282 -20.00 10.43 -16.78
C ASP A 282 -18.52 10.19 -17.06
N PHE A 283 -17.72 9.97 -16.01
CA PHE A 283 -16.30 9.73 -16.20
C PHE A 283 -16.02 8.33 -16.72
N VAL A 284 -17.03 7.46 -16.70
CA VAL A 284 -16.87 6.10 -17.18
C VAL A 284 -17.08 6.04 -18.70
N GLN A 285 -16.02 5.74 -19.44
CA GLN A 285 -16.09 5.65 -20.90
C GLN A 285 -16.22 4.20 -21.33
N PRO A 286 -16.81 3.97 -22.52
CA PRO A 286 -16.98 2.61 -23.05
C PRO A 286 -15.68 1.84 -23.03
N GLY A 287 -15.68 0.67 -22.39
CA GLY A 287 -14.48 -0.13 -22.33
C GLY A 287 -13.66 0.06 -21.06
N ASP A 288 -13.85 1.21 -20.38
CA ASP A 288 -13.12 1.48 -19.15
C ASP A 288 -13.24 0.31 -18.17
N MET A 289 -14.47 -0.09 -17.89
CA MET A 289 -14.71 -1.19 -16.95
C MET A 289 -14.03 -2.48 -17.38
N GLU A 290 -13.95 -2.71 -18.67
CA GLU A 290 -13.31 -3.92 -19.17
C GLU A 290 -11.81 -3.78 -18.90
N LEU A 291 -11.29 -2.58 -19.16
CA LEU A 291 -9.88 -2.27 -18.93
C LEU A 291 -9.49 -2.54 -17.47
N ILE A 292 -10.35 -2.10 -16.55
CA ILE A 292 -10.12 -2.25 -15.11
C ILE A 292 -10.23 -3.69 -14.62
N GLN A 293 -11.20 -4.44 -15.14
CA GLN A 293 -11.41 -5.82 -14.71
C GLN A 293 -10.35 -6.81 -15.17
N GLN A 294 -9.16 -6.75 -14.55
CA GLN A 294 -8.05 -7.64 -14.87
C GLN A 294 -7.30 -8.04 -13.61
N PRO A 295 -7.83 -9.04 -12.87
CA PRO A 295 -7.23 -9.53 -11.63
C PRO A 295 -5.74 -9.86 -11.73
N GLY A 296 -5.29 -10.24 -12.91
CA GLY A 296 -3.89 -10.58 -13.07
C GLY A 296 -3.56 -11.93 -12.45
N ASP A 297 -2.34 -12.06 -11.95
CA ASP A 297 -1.89 -13.32 -11.34
C ASP A 297 -2.12 -13.40 -9.84
N PHE A 298 -2.35 -12.26 -9.19
CA PHE A 298 -2.58 -12.26 -7.75
C PHE A 298 -3.26 -11.00 -7.25
N LEU A 299 -3.89 -11.10 -6.10
CA LEU A 299 -4.53 -9.97 -5.49
C LEU A 299 -3.66 -9.54 -4.31
N GLY A 300 -3.17 -8.31 -4.36
CA GLY A 300 -2.35 -7.79 -3.28
C GLY A 300 -3.25 -7.23 -2.20
N ILE A 301 -2.97 -7.61 -0.96
CA ILE A 301 -3.79 -7.14 0.17
C ILE A 301 -2.97 -6.49 1.28
N ASN A 302 -3.43 -5.31 1.72
CA ASN A 302 -2.79 -4.59 2.83
C ASN A 302 -3.84 -4.57 3.93
N TYR A 303 -3.49 -5.09 5.11
CA TYR A 303 -4.43 -5.15 6.22
C TYR A 303 -3.78 -4.72 7.53
N TYR A 304 -4.54 -3.98 8.34
CA TYR A 304 -4.01 -3.52 9.62
C TYR A 304 -5.00 -3.62 10.78
N THR A 305 -6.25 -3.28 10.51
CA THR A 305 -7.25 -3.28 11.56
C THR A 305 -8.66 -3.37 10.98
N ARG A 306 -9.66 -3.39 11.86
CA ARG A 306 -11.05 -3.45 11.46
C ARG A 306 -11.71 -2.16 11.91
N SER A 307 -12.96 -1.94 11.51
CA SER A 307 -13.68 -0.76 11.94
C SER A 307 -14.99 -1.17 12.60
N ILE A 308 -15.41 -0.42 13.61
CA ILE A 308 -16.66 -0.68 14.29
C ILE A 308 -17.47 0.55 13.90
N ILE A 309 -18.54 0.35 13.13
CA ILE A 309 -19.34 1.46 12.63
C ILE A 309 -20.76 1.59 13.16
N ARG A 310 -21.13 2.84 13.45
CA ARG A 310 -22.48 3.15 13.90
C ARG A 310 -22.97 4.21 12.93
N SER A 311 -24.28 4.38 12.88
CA SER A 311 -24.89 5.36 11.99
C SER A 311 -25.01 6.74 12.63
N THR A 312 -24.96 7.78 11.80
CA THR A 312 -25.12 9.16 12.24
C THR A 312 -25.85 9.87 11.11
N ASN A 313 -26.45 11.01 11.39
CA ASN A 313 -27.16 11.75 10.36
C ASN A 313 -26.43 13.09 10.16
N ASP A 314 -25.10 13.02 10.05
CA ASP A 314 -24.28 14.21 9.89
C ASP A 314 -24.08 14.68 8.44
N ALA A 315 -23.14 15.61 8.27
CA ALA A 315 -22.84 16.20 6.97
C ALA A 315 -21.79 15.46 6.14
N SER A 316 -21.31 14.32 6.64
CA SER A 316 -20.29 13.57 5.91
C SER A 316 -20.89 12.75 4.76
N LEU A 317 -20.03 12.31 3.84
CA LEU A 317 -20.47 11.50 2.70
C LEU A 317 -21.30 10.28 3.11
N LEU A 318 -20.71 9.40 3.90
CA LEU A 318 -21.39 8.18 4.32
C LEU A 318 -22.33 8.31 5.52
N GLN A 319 -22.18 9.40 6.28
CA GLN A 319 -22.98 9.61 7.48
C GLN A 319 -22.76 8.39 8.35
N VAL A 320 -21.50 8.16 8.67
CA VAL A 320 -21.08 7.04 9.49
C VAL A 320 -20.04 7.48 10.50
N GLU A 321 -20.06 6.85 11.68
CA GLU A 321 -19.11 7.17 12.72
C GLU A 321 -18.40 5.89 13.16
N GLN A 322 -17.08 5.97 13.28
CA GLN A 322 -16.30 4.81 13.71
C GLN A 322 -16.14 4.94 15.21
N VAL A 323 -16.54 3.91 15.96
CA VAL A 323 -16.37 3.95 17.40
C VAL A 323 -14.96 3.45 17.63
N HIS A 324 -14.16 4.26 18.30
CA HIS A 324 -12.78 3.90 18.55
C HIS A 324 -12.57 3.05 19.79
N MET A 325 -11.84 1.96 19.61
CA MET A 325 -11.54 1.05 20.70
C MET A 325 -10.31 1.59 21.42
N GLU A 326 -10.24 1.37 22.72
CA GLU A 326 -9.11 1.85 23.50
C GLU A 326 -8.15 0.71 23.82
N GLU A 327 -8.69 -0.42 24.27
CA GLU A 327 -7.89 -1.59 24.60
C GLU A 327 -7.26 -2.10 23.31
N PRO A 328 -6.23 -2.97 23.40
CA PRO A 328 -5.58 -3.47 22.19
C PRO A 328 -5.52 -2.56 20.98
N VAL A 329 -4.58 -1.61 21.02
CA VAL A 329 -4.37 -0.67 19.92
C VAL A 329 -2.88 -0.40 19.77
N THR A 330 -2.48 0.03 18.58
CA THR A 330 -1.09 0.35 18.31
C THR A 330 -0.87 1.81 18.70
N ASP A 331 0.34 2.32 18.46
CA ASP A 331 0.69 3.70 18.77
C ASP A 331 -0.10 4.69 17.90
N MET A 332 -0.92 4.16 17.00
CA MET A 332 -1.74 5.01 16.12
C MET A 332 -3.22 4.94 16.47
N GLY A 333 -3.53 4.26 17.57
CA GLY A 333 -4.91 4.14 18.01
C GLY A 333 -5.69 3.11 17.23
N TRP A 334 -5.01 2.33 16.38
CA TRP A 334 -5.70 1.31 15.60
C TRP A 334 -5.85 0.04 16.44
N GLU A 335 -7.07 -0.47 16.51
CA GLU A 335 -7.33 -1.67 17.28
C GLU A 335 -6.59 -2.87 16.71
N ILE A 336 -6.07 -3.69 17.61
CA ILE A 336 -5.35 -4.89 17.24
C ILE A 336 -6.35 -6.04 17.35
N HIS A 337 -6.87 -6.48 16.21
CA HIS A 337 -7.86 -7.55 16.20
C HIS A 337 -7.52 -8.58 15.11
N PRO A 338 -6.58 -9.48 15.40
CA PRO A 338 -6.18 -10.50 14.43
C PRO A 338 -7.31 -11.36 13.89
N GLU A 339 -8.32 -11.62 14.73
CA GLU A 339 -9.47 -12.42 14.30
C GLU A 339 -10.11 -11.83 13.05
N SER A 340 -10.24 -10.51 13.02
CA SER A 340 -10.83 -9.84 11.86
C SER A 340 -10.00 -10.12 10.61
N PHE A 341 -8.70 -10.28 10.78
CA PHE A 341 -7.83 -10.53 9.63
C PHE A 341 -8.20 -11.87 8.98
N TYR A 342 -8.51 -12.86 9.81
CA TYR A 342 -8.91 -14.17 9.32
C TYR A 342 -10.27 -14.06 8.60
N LYS A 343 -11.21 -13.34 9.20
CA LYS A 343 -12.53 -13.17 8.62
C LYS A 343 -12.47 -12.45 7.26
N LEU A 344 -11.60 -11.46 7.16
CA LEU A 344 -11.47 -10.71 5.91
C LEU A 344 -10.91 -11.58 4.80
N LEU A 345 -9.84 -12.32 5.10
CA LEU A 345 -9.23 -13.20 4.11
C LEU A 345 -10.26 -14.21 3.60
N THR A 346 -11.06 -14.72 4.52
CA THR A 346 -12.11 -15.69 4.20
C THR A 346 -13.12 -15.01 3.27
N ARG A 347 -13.54 -13.80 3.64
CA ARG A 347 -14.50 -13.04 2.84
C ARG A 347 -13.96 -12.72 1.44
N ILE A 348 -12.69 -12.35 1.37
CA ILE A 348 -12.05 -12.02 0.11
C ILE A 348 -12.03 -13.24 -0.81
N GLU A 349 -11.71 -14.39 -0.25
CA GLU A 349 -11.70 -15.63 -1.02
C GLU A 349 -13.16 -15.84 -1.49
N LYS A 350 -14.08 -15.72 -0.54
CA LYS A 350 -15.51 -15.88 -0.79
C LYS A 350 -15.90 -15.15 -2.07
N ASP A 351 -16.02 -13.83 -1.98
CA ASP A 351 -16.36 -13.01 -3.12
C ASP A 351 -15.04 -12.48 -3.65
N PHE A 352 -14.97 -12.15 -4.94
CA PHE A 352 -13.76 -11.60 -5.54
C PHE A 352 -12.71 -12.61 -6.02
N SER A 353 -11.68 -12.83 -5.31
CA SER A 353 -10.62 -13.76 -5.72
C SER A 353 -11.07 -15.21 -5.96
N LYS A 354 -11.70 -15.84 -4.94
CA LYS A 354 -12.17 -17.24 -5.00
C LYS A 354 -11.22 -18.18 -5.89
N GLY A 355 -10.04 -18.61 -5.33
CA GLY A 355 -8.97 -19.48 -5.96
C GLY A 355 -7.67 -18.69 -6.29
N LEU A 356 -7.89 -17.52 -6.83
CA LEU A 356 -6.81 -16.59 -7.17
C LEU A 356 -5.83 -16.46 -6.00
N PRO A 357 -4.49 -16.55 -6.29
CA PRO A 357 -3.49 -16.40 -5.24
C PRO A 357 -3.61 -15.05 -4.53
N ILE A 358 -3.53 -15.09 -3.21
CA ILE A 358 -3.62 -13.86 -2.41
C ILE A 358 -2.25 -13.59 -1.78
N LEU A 359 -1.83 -12.34 -1.86
CA LEU A 359 -0.54 -11.95 -1.30
C LEU A 359 -0.72 -10.80 -0.33
N ILE A 360 -0.20 -10.95 0.87
CA ILE A 360 -0.30 -9.88 1.85
C ILE A 360 0.92 -8.98 1.66
N THR A 361 0.74 -7.93 0.86
CA THR A 361 1.84 -7.02 0.56
C THR A 361 2.19 -6.09 1.72
N GLU A 362 1.29 -5.99 2.70
CA GLU A 362 1.52 -5.16 3.88
C GLU A 362 0.70 -5.56 5.12
N ASN A 363 1.40 -5.82 6.21
CA ASN A 363 0.78 -6.09 7.50
C ASN A 363 1.85 -5.71 8.52
N GLY A 364 1.47 -4.99 9.56
CA GLY A 364 2.43 -4.57 10.56
C GLY A 364 1.79 -3.67 11.59
N ALA A 365 2.61 -3.09 12.47
CA ALA A 365 2.11 -2.22 13.52
C ALA A 365 3.13 -1.17 13.94
N ALA A 366 2.62 0.02 14.27
CA ALA A 366 3.47 1.09 14.73
C ALA A 366 3.27 1.11 16.23
N MET A 367 4.31 0.80 16.98
CA MET A 367 4.26 0.79 18.43
C MET A 367 5.27 1.80 18.93
N ARG A 368 5.18 2.17 20.20
CA ARG A 368 6.14 3.12 20.73
C ARG A 368 7.42 2.35 21.06
N ASP A 369 8.52 2.75 20.43
CA ASP A 369 9.81 2.11 20.64
C ASP A 369 10.71 2.89 21.59
N GLU A 370 11.59 2.16 22.25
CA GLU A 370 12.54 2.76 23.18
C GLU A 370 13.84 1.96 23.08
N LEU A 371 14.93 2.64 22.74
CA LEU A 371 16.23 1.98 22.63
C LEU A 371 16.83 1.76 24.02
N VAL A 372 16.93 0.49 24.42
CA VAL A 372 17.49 0.13 25.71
C VAL A 372 18.70 -0.78 25.54
N ASN A 373 19.85 -0.32 26.03
CA ASN A 373 21.09 -1.07 25.93
C ASN A 373 21.36 -1.51 24.49
N GLY A 374 21.09 -0.60 23.55
CA GLY A 374 21.32 -0.89 22.15
C GLY A 374 20.30 -1.79 21.47
N GLN A 375 19.26 -2.22 22.18
CA GLN A 375 18.24 -3.06 21.54
C GLN A 375 16.83 -2.47 21.67
N ILE A 376 15.92 -2.99 20.86
CA ILE A 376 14.53 -2.55 20.85
C ILE A 376 13.63 -3.73 21.21
N GLU A 377 13.20 -3.80 22.46
CA GLU A 377 12.35 -4.90 22.90
C GLU A 377 10.89 -4.57 22.57
N ASP A 378 10.56 -4.57 21.28
CA ASP A 378 9.20 -4.25 20.84
C ASP A 378 8.26 -5.46 20.90
N THR A 379 8.14 -6.03 22.10
CA THR A 379 7.28 -7.19 22.32
C THR A 379 5.89 -6.94 21.73
N GLY A 380 5.45 -5.69 21.79
CA GLY A 380 4.15 -5.33 21.26
C GLY A 380 4.05 -5.58 19.76
N ARG A 381 5.02 -5.07 19.00
CA ARG A 381 5.03 -5.25 17.55
C ARG A 381 5.20 -6.72 17.20
N GLN A 382 6.06 -7.41 17.97
CA GLN A 382 6.33 -8.82 17.80
C GLN A 382 5.03 -9.61 17.99
N ARG A 383 4.33 -9.37 19.09
CA ARG A 383 3.07 -10.07 19.32
C ARG A 383 2.04 -9.79 18.23
N TYR A 384 1.96 -8.54 17.79
CA TYR A 384 1.02 -8.16 16.73
C TYR A 384 1.24 -8.97 15.47
N ILE A 385 2.49 -9.08 15.03
CA ILE A 385 2.81 -9.84 13.84
C ILE A 385 2.53 -11.33 14.00
N GLU A 386 2.92 -11.87 15.14
CA GLU A 386 2.71 -13.28 15.44
C GLU A 386 1.23 -13.65 15.36
N GLU A 387 0.40 -12.90 16.07
CA GLU A 387 -1.04 -13.15 16.09
C GLU A 387 -1.71 -13.03 14.71
N HIS A 388 -1.34 -12.02 13.92
CA HIS A 388 -1.96 -11.90 12.61
C HIS A 388 -1.49 -13.04 11.71
N LEU A 389 -0.29 -13.56 11.95
CA LEU A 389 0.21 -14.68 11.16
C LEU A 389 -0.57 -15.94 11.53
N LYS A 390 -1.04 -16.01 12.78
CA LYS A 390 -1.83 -17.14 13.24
C LYS A 390 -3.16 -17.10 12.48
N ALA A 391 -3.59 -15.88 12.15
CA ALA A 391 -4.83 -15.70 11.40
C ALA A 391 -4.58 -16.21 9.99
N CYS A 392 -3.45 -15.82 9.42
CA CYS A 392 -3.08 -16.24 8.07
C CYS A 392 -2.95 -17.76 8.03
N HIS A 393 -2.40 -18.33 9.09
CA HIS A 393 -2.22 -19.77 9.17
C HIS A 393 -3.59 -20.46 9.07
N ARG A 394 -4.54 -20.05 9.91
CA ARG A 394 -5.87 -20.65 9.88
C ARG A 394 -6.55 -20.51 8.51
N PHE A 395 -6.33 -19.38 7.83
CA PHE A 395 -6.92 -19.19 6.50
C PHE A 395 -6.31 -20.27 5.64
N ILE A 396 -4.99 -20.41 5.73
CA ILE A 396 -4.31 -21.46 5.01
C ILE A 396 -4.81 -22.66 5.83
N GLU A 397 -4.38 -23.87 5.51
CA GLU A 397 -4.82 -25.05 6.27
C GLU A 397 -6.34 -25.25 6.16
N GLU A 398 -7.06 -24.17 5.87
CA GLU A 398 -8.51 -24.24 5.71
C GLU A 398 -8.82 -24.10 4.22
N GLY A 399 -7.76 -24.11 3.42
CA GLY A 399 -7.92 -23.99 1.97
C GLY A 399 -7.56 -22.65 1.37
N GLY A 400 -7.50 -21.61 2.21
CA GLY A 400 -7.19 -20.28 1.72
C GLY A 400 -5.97 -20.18 0.82
N GLN A 401 -6.12 -19.55 -0.34
CA GLN A 401 -5.03 -19.40 -1.29
C GLN A 401 -3.99 -18.32 -0.96
N LEU A 402 -3.62 -18.21 0.33
CA LEU A 402 -2.63 -17.22 0.74
C LEU A 402 -1.25 -17.78 0.38
N LYS A 403 -0.49 -17.02 -0.39
CA LYS A 403 0.83 -17.48 -0.83
C LYS A 403 2.05 -16.72 -0.31
N GLY A 404 1.83 -15.57 0.35
CA GLY A 404 2.96 -14.81 0.85
C GLY A 404 2.60 -13.76 1.88
N TYR A 405 3.63 -13.23 2.55
CA TYR A 405 3.42 -12.22 3.58
C TYR A 405 4.61 -11.27 3.70
N PHE A 406 4.34 -9.98 3.49
CA PHE A 406 5.37 -8.95 3.58
C PHE A 406 5.08 -8.07 4.79
N VAL A 407 5.97 -8.06 5.78
CA VAL A 407 5.76 -7.23 6.95
C VAL A 407 5.93 -5.77 6.51
N TRP A 408 4.93 -4.93 6.75
CA TRP A 408 5.10 -3.55 6.34
C TRP A 408 6.10 -2.83 7.19
N SER A 409 7.09 -2.31 6.47
CA SER A 409 8.17 -1.52 7.00
C SER A 409 9.38 -2.26 7.48
N PHE A 410 10.34 -2.38 6.57
CA PHE A 410 11.60 -2.97 6.89
C PHE A 410 12.18 -1.89 7.81
N LEU A 411 11.93 -0.62 7.47
CA LEU A 411 12.46 0.51 8.23
C LEU A 411 11.42 1.51 8.74
N ASP A 412 11.70 2.16 9.88
CA ASP A 412 10.81 3.19 10.38
C ASP A 412 10.88 4.20 9.24
N ASN A 413 9.81 4.92 8.95
CA ASN A 413 9.88 5.87 7.85
C ASN A 413 8.89 7.02 7.90
N PHE A 414 8.77 7.76 6.80
CA PHE A 414 7.82 8.87 6.79
C PHE A 414 6.45 8.24 6.70
N GLU A 415 5.72 8.24 7.80
CA GLU A 415 4.38 7.66 7.85
C GLU A 415 3.29 8.65 7.44
N TRP A 416 3.40 9.10 6.20
CA TRP A 416 2.44 10.03 5.61
C TRP A 416 1.98 11.17 6.54
N ALA A 417 0.66 11.31 6.70
CA ALA A 417 0.11 12.38 7.54
C ALA A 417 0.57 12.31 9.00
N TRP A 418 1.04 11.13 9.41
CA TRP A 418 1.52 10.97 10.78
C TRP A 418 2.97 11.44 10.91
N GLY A 419 3.63 11.66 9.78
CA GLY A 419 5.01 12.10 9.81
C GLY A 419 5.93 11.00 10.32
N TYR A 420 7.02 11.42 10.98
CA TYR A 420 8.00 10.47 11.51
C TYR A 420 7.63 10.00 12.93
N SER A 421 6.54 10.54 13.47
CA SER A 421 6.09 10.22 14.82
C SER A 421 5.64 8.78 15.02
N LYS A 422 5.36 8.06 13.94
CA LYS A 422 4.93 6.66 14.06
C LYS A 422 5.89 5.74 13.33
N ARG A 423 6.44 4.76 14.05
CA ARG A 423 7.41 3.83 13.52
C ARG A 423 6.85 2.44 13.24
N PHE A 424 6.85 2.05 11.97
CA PHE A 424 6.34 0.75 11.52
C PHE A 424 7.44 -0.27 11.27
N GLY A 425 8.69 0.16 11.37
CA GLY A 425 9.78 -0.75 11.06
C GLY A 425 10.11 -1.86 12.04
N ILE A 426 10.68 -2.93 11.51
CA ILE A 426 11.14 -4.02 12.34
C ILE A 426 12.59 -3.62 12.60
N VAL A 427 13.06 -2.62 11.85
CA VAL A 427 14.41 -2.07 12.00
C VAL A 427 14.30 -0.62 12.44
N HIS A 428 15.02 -0.28 13.50
CA HIS A 428 14.98 1.08 14.02
C HIS A 428 15.93 2.03 13.29
N ILE A 429 15.45 3.22 13.00
CA ILE A 429 16.27 4.24 12.36
C ILE A 429 16.48 5.38 13.35
N ASN A 430 17.74 5.73 13.56
CA ASN A 430 18.10 6.84 14.42
C ASN A 430 18.13 8.02 13.44
N TYR A 431 17.13 8.89 13.49
CA TYR A 431 17.10 10.00 12.54
C TYR A 431 18.20 11.04 12.78
N GLU A 432 18.88 10.97 13.91
CA GLU A 432 19.95 11.95 14.17
C GLU A 432 21.24 11.51 13.50
N THR A 433 21.41 10.20 13.31
CA THR A 433 22.62 9.67 12.70
C THR A 433 22.37 8.81 11.46
N GLN A 434 21.13 8.38 11.27
CA GLN A 434 20.72 7.52 10.15
C GLN A 434 21.19 6.09 10.35
N GLU A 435 21.65 5.78 11.56
CA GLU A 435 22.12 4.45 11.91
C GLU A 435 20.94 3.48 12.00
N ARG A 436 21.11 2.28 11.43
CA ARG A 436 20.08 1.23 11.46
C ARG A 436 20.33 0.25 12.60
N THR A 437 19.27 -0.23 13.23
CA THR A 437 19.35 -1.19 14.34
C THR A 437 18.14 -2.13 14.33
N PRO A 438 18.34 -3.40 13.98
CA PRO A 438 17.19 -4.32 13.97
C PRO A 438 16.53 -4.37 15.35
N LYS A 439 15.21 -4.46 15.39
CA LYS A 439 14.49 -4.54 16.66
C LYS A 439 14.34 -6.01 16.97
N GLN A 440 13.90 -6.33 18.18
CA GLN A 440 13.70 -7.73 18.55
C GLN A 440 12.70 -8.40 17.63
N SER A 441 11.69 -7.66 17.17
CA SER A 441 10.71 -8.28 16.28
C SER A 441 11.39 -8.77 15.00
N ALA A 442 12.42 -8.06 14.56
CA ALA A 442 13.16 -8.43 13.37
C ALA A 442 13.95 -9.71 13.60
N LEU A 443 14.59 -9.80 14.76
CA LEU A 443 15.36 -10.99 15.11
C LEU A 443 14.41 -12.18 15.16
N TRP A 444 13.24 -11.96 15.78
CA TRP A 444 12.24 -13.01 15.89
C TRP A 444 11.80 -13.47 14.51
N PHE A 445 11.69 -12.51 13.58
CA PHE A 445 11.27 -12.81 12.23
C PHE A 445 12.33 -13.62 11.49
N LYS A 446 13.61 -13.30 11.75
CA LYS A 446 14.72 -13.99 11.10
C LYS A 446 14.66 -15.50 11.32
N GLN A 447 14.59 -15.89 12.59
CA GLN A 447 14.55 -17.30 12.93
C GLN A 447 13.23 -17.94 12.50
N MET A 448 12.15 -17.16 12.60
CA MET A 448 10.82 -17.65 12.22
C MET A 448 10.83 -18.12 10.76
N MET A 449 11.43 -17.32 9.88
CA MET A 449 11.51 -17.69 8.47
C MET A 449 12.45 -18.88 8.33
N ALA A 450 13.43 -18.97 9.22
CA ALA A 450 14.40 -20.06 9.20
C ALA A 450 13.66 -21.36 9.44
N LYS A 451 12.74 -21.34 10.39
CA LYS A 451 11.94 -22.52 10.71
C LYS A 451 10.68 -22.48 9.85
N ASN A 452 10.49 -21.37 9.15
CA ASN A 452 9.33 -21.17 8.30
C ASN A 452 8.06 -21.59 9.00
N GLY A 453 7.94 -21.26 10.28
CA GLY A 453 6.75 -21.66 11.01
C GLY A 453 6.40 -20.97 12.31
N PHE A 454 7.29 -21.03 13.29
CA PHE A 454 7.07 -20.44 14.61
C PHE A 454 5.98 -21.18 15.38
#